data_7WQP
#
_entry.id   7WQP
#
_cell.length_a   1.00
_cell.length_b   1.00
_cell.length_c   1.00
_cell.angle_alpha   90.00
_cell.angle_beta   90.00
_cell.angle_gamma   90.00
#
_symmetry.space_group_name_H-M   'P 1'
#
loop_
_entity.id
_entity.type
_entity.pdbx_description
1 polymer 'Dyslexia-associated protein KIAA0319-like protein'
2 polymer 'Capsid protein VP1'
#
loop_
_entity_poly.entity_id
_entity_poly.type
_entity_poly.pdbx_seq_one_letter_code
_entity_poly.pdbx_strand_id
1 'polypeptide(L)'
;NRPPIAIVSPQFQEISLPTTSTVIDGSQSTDDDKIVQYHWEELKGPLREEKISEDTAILKLSKLVPGNYTFSLTVVDSDG
ATNSTTANLTVN
;
R
2 'polypeptide(L)'
;DGVGSSSGNWHCDSQWLGDRVITTSTRTWALPTYNNHLYKQISNSTSGGSSNDNAYFGYSTPWGYFDFNRFHCHFSPRDW
QRLINNNWGFRPKRLNFKLFNIQVKEVTDNNGVKTIANNLTSTVQVFTDSDYQLPYVLGSAHEGCLPPFPADVFMIPQYG
YLTLNDGSQAVGRSSFYCLEYFPSQMLRTGNNFQFSYEFENVPFHSSYAHSQSLDRLMNPLIDQYLYYLSKTINGSGQNQ
QTLKFSVAGPSNMAVQGRNYIPGPSYRQQRVSTTVTQNNNSEFAWPGASSWALNGRNSLMNPGPAMASHKEGEDRFFPLS
GSLIFGKQGTGRDNVDADKVMITNEEEIKTTNPVATESYGQVATNHQSDGTLAVPFKAQAQTGWVQNQGILPGMVWQDRD
VYLQGPIWAKIPHTDGNFHPSPLMGGFGMKHPPPQILIKNTPVPADPPTAFNKDKLNSFITQYSTGQVSVEIEWELQKEN
SKRWNPEIQYTSNYYKSNNVEFAVNTEGVYSEPRPIGTRYLTRNL
;
A
#
# COMPACT_ATOMS: atom_id res chain seq x y z
N ASN A 1 -2.81 31.83 12.57
CA ASN A 1 -1.80 32.15 11.56
C ASN A 1 -0.42 31.73 12.02
N ARG A 2 -0.21 30.41 12.09
CA ARG A 2 1.06 29.88 12.57
C ARG A 2 2.15 30.08 11.51
N PRO A 3 3.34 30.55 11.89
CA PRO A 3 4.44 30.62 10.92
C PRO A 3 4.92 29.23 10.57
N PRO A 4 5.56 29.07 9.41
CA PRO A 4 6.04 27.75 9.01
C PRO A 4 7.13 27.24 9.94
N ILE A 5 7.22 25.93 10.04
CA ILE A 5 8.26 25.25 10.81
C ILE A 5 9.21 24.59 9.81
N ALA A 6 10.42 25.10 9.73
CA ALA A 6 11.43 24.58 8.81
C ALA A 6 12.28 23.55 9.56
N ILE A 7 12.22 22.30 9.11
CA ILE A 7 12.95 21.20 9.74
C ILE A 7 13.81 20.57 8.66
N VAL A 8 15.11 20.86 8.68
CA VAL A 8 16.05 20.28 7.73
C VAL A 8 16.66 19.03 8.35
N SER A 9 16.67 17.94 7.58
CA SER A 9 17.23 16.67 8.04
C SER A 9 18.01 16.02 6.91
N PRO A 10 19.16 15.40 7.21
CA PRO A 10 19.80 15.33 8.53
C PRO A 10 20.51 16.61 8.93
N GLN A 11 20.59 16.88 10.22
CA GLN A 11 21.24 18.11 10.70
C GLN A 11 22.75 18.02 10.56
N PHE A 12 23.35 16.90 10.97
CA PHE A 12 24.80 16.75 10.99
C PHE A 12 25.20 15.52 10.18
N GLN A 13 26.27 15.64 9.42
CA GLN A 13 26.68 14.58 8.50
C GLN A 13 28.20 14.59 8.37
N GLU A 14 28.79 13.39 8.34
CA GLU A 14 30.25 13.20 8.14
C GLU A 14 30.45 12.38 6.86
N ILE A 15 30.98 13.01 5.80
CA ILE A 15 31.18 12.32 4.49
C ILE A 15 32.65 12.47 4.06
N SER A 16 33.27 11.36 3.65
CA SER A 16 34.68 11.38 3.16
C SER A 16 34.67 11.06 1.67
N LEU A 17 35.31 11.91 0.85
CA LEU A 17 35.37 11.75 -0.63
C LEU A 17 36.14 10.48 -0.98
N PRO A 18 35.72 9.67 -2.12
CA PRO A 18 35.10 9.81 -3.68
C PRO A 18 33.58 9.70 -3.75
N THR A 19 32.89 10.09 -2.67
CA THR A 19 31.42 10.22 -2.67
C THR A 19 31.03 11.58 -2.10
N THR A 20 31.53 12.67 -2.69
CA THR A 20 31.20 14.03 -2.21
C THR A 20 29.69 14.27 -2.26
N SER A 21 29.04 13.82 -3.34
CA SER A 21 27.59 14.00 -3.56
C SER A 21 26.78 13.64 -2.30
N THR A 22 26.15 14.63 -1.69
CA THR A 22 25.35 14.43 -0.49
C THR A 22 24.07 15.26 -0.61
N VAL A 23 22.95 14.71 -0.16
CA VAL A 23 21.67 15.39 -0.18
C VAL A 23 21.16 15.52 1.25
N ILE A 24 20.70 16.71 1.61
CA ILE A 24 20.04 16.95 2.89
C ILE A 24 18.60 17.33 2.60
N ASP A 25 17.66 16.56 3.12
CA ASP A 25 16.26 16.80 2.84
C ASP A 25 15.77 18.06 3.54
N GLY A 26 15.01 18.87 2.81
CA GLY A 26 14.43 20.07 3.38
C GLY A 26 12.92 20.08 3.21
N SER A 27 12.37 19.00 2.66
CA SER A 27 10.94 18.91 2.41
C SER A 27 10.12 18.77 3.68
N GLN A 28 10.77 18.54 4.83
CA GLN A 28 10.06 18.42 6.10
C GLN A 28 9.83 19.83 6.67
N SER A 29 8.98 20.58 5.97
CA SER A 29 8.69 21.97 6.32
C SER A 29 7.23 22.05 6.76
N THR A 30 7.03 21.98 8.06
CA THR A 30 5.68 21.99 8.62
C THR A 30 5.07 23.39 8.52
N ASP A 31 3.83 23.44 8.04
CA ASP A 31 3.03 24.66 8.05
C ASP A 31 1.56 24.30 7.86
N ASP A 32 0.68 25.22 8.28
CA ASP A 32 -0.74 25.06 8.00
C ASP A 32 -0.99 25.07 6.49
N ASP A 33 -0.46 26.05 5.79
CA ASP A 33 -0.70 26.23 4.36
C ASP A 33 0.52 25.75 3.58
N LYS A 34 0.40 25.80 2.25
CA LYS A 34 1.45 25.36 1.35
C LYS A 34 2.71 26.20 1.55
N ILE A 35 3.87 25.53 1.54
CA ILE A 35 5.15 26.21 1.51
C ILE A 35 5.40 26.71 0.10
N VAL A 36 5.36 28.03 -0.09
CA VAL A 36 5.39 28.58 -1.44
C VAL A 36 6.75 28.35 -2.09
N GLN A 37 7.82 28.41 -1.30
CA GLN A 37 9.16 28.23 -1.87
C GLN A 37 10.13 27.82 -0.77
N TYR A 38 11.22 27.19 -1.21
CA TYR A 38 12.35 26.88 -0.35
C TYR A 38 13.56 27.65 -0.86
N HIS A 39 14.36 28.18 0.06
CA HIS A 39 15.56 28.91 -0.30
C HIS A 39 16.75 28.33 0.45
N TRP A 40 17.80 28.00 -0.29
CA TRP A 40 19.03 27.45 0.27
C TRP A 40 20.18 28.39 -0.03
N GLU A 41 20.92 28.74 1.03
CA GLU A 41 22.10 29.64 0.94
C GLU A 41 23.19 29.12 1.88
N GLU A 42 24.42 28.97 1.37
CA GLU A 42 25.54 28.45 2.21
C GLU A 42 26.30 29.64 2.83
N LEU A 43 26.17 29.80 4.14
CA LEU A 43 26.83 30.92 4.88
C LEU A 43 28.35 30.80 4.87
N LYS A 44 28.90 29.59 5.13
CA LYS A 44 30.38 29.43 5.16
C LYS A 44 30.81 28.21 4.34
N GLY A 45 31.89 28.37 3.57
CA GLY A 45 32.45 27.25 2.80
C GLY A 45 33.89 27.55 2.40
N PRO A 46 34.75 26.54 2.18
CA PRO A 46 36.12 26.76 1.69
C PRO A 46 36.01 27.31 0.26
N LEU A 47 36.94 28.19 -0.13
CA LEU A 47 36.85 28.85 -1.46
C LEU A 47 36.72 27.80 -2.57
N ARG A 48 35.67 27.95 -3.38
CA ARG A 48 35.33 27.01 -4.48
C ARG A 48 34.95 27.85 -5.69
N GLU A 49 35.13 27.31 -6.90
CA GLU A 49 34.79 28.06 -8.15
C GLU A 49 33.27 28.27 -8.27
N GLU A 50 32.47 27.73 -7.35
CA GLU A 50 30.98 27.90 -7.45
C GLU A 50 30.36 28.21 -6.08
N LYS A 51 29.18 28.84 -6.09
CA LYS A 51 28.46 29.24 -4.85
C LYS A 51 27.03 28.69 -4.88
N ILE A 52 26.63 28.00 -3.80
CA ILE A 52 25.35 27.26 -3.69
C ILE A 52 24.12 28.17 -3.57
N SER A 53 23.37 28.30 -4.66
CA SER A 53 22.08 29.04 -4.68
C SER A 53 21.03 28.13 -5.34
N GLU A 54 19.98 27.74 -4.62
CA GLU A 54 18.95 26.82 -5.19
C GLU A 54 17.59 27.03 -4.52
N ASP A 55 16.53 26.51 -5.13
CA ASP A 55 15.17 26.58 -4.63
C ASP A 55 14.52 25.21 -4.46
N THR A 56 15.27 24.13 -4.67
CA THR A 56 14.69 22.79 -4.59
C THR A 56 14.50 22.36 -3.14
N ALA A 57 13.48 21.54 -2.92
CA ALA A 57 13.23 21.01 -1.58
C ALA A 57 14.34 20.07 -1.14
N ILE A 58 14.80 19.20 -2.03
CA ILE A 58 15.86 18.25 -1.74
C ILE A 58 17.14 18.77 -2.38
N LEU A 59 18.00 19.36 -1.56
CA LEU A 59 19.22 19.98 -2.06
C LEU A 59 20.20 18.91 -2.55
N LYS A 60 20.72 19.10 -3.75
CA LYS A 60 21.70 18.20 -4.36
C LYS A 60 23.07 18.86 -4.30
N LEU A 61 24.03 18.16 -3.72
CA LEU A 61 25.41 18.63 -3.64
C LEU A 61 26.32 17.74 -4.46
N SER A 62 27.29 18.36 -5.12
CA SER A 62 28.28 17.63 -5.89
C SER A 62 29.58 18.40 -5.88
N LYS A 63 30.69 17.68 -6.02
CA LYS A 63 32.04 18.25 -6.01
C LYS A 63 32.27 19.06 -4.74
N LEU A 64 32.26 18.35 -3.61
CA LEU A 64 32.51 18.97 -2.31
C LEU A 64 33.98 18.85 -1.95
N VAL A 65 34.60 19.99 -1.65
CA VAL A 65 36.01 20.05 -1.28
C VAL A 65 36.11 19.87 0.23
N PRO A 66 37.24 19.41 0.76
CA PRO A 66 37.37 19.25 2.21
C PRO A 66 37.18 20.59 2.94
N GLY A 67 36.58 20.52 4.11
CA GLY A 67 36.32 21.69 4.91
C GLY A 67 35.05 21.52 5.71
N ASN A 68 34.51 22.65 6.17
CA ASN A 68 33.29 22.68 6.96
C ASN A 68 32.24 23.51 6.23
N TYR A 69 31.02 23.02 6.19
CA TYR A 69 29.92 23.67 5.50
C TYR A 69 28.78 23.97 6.47
N THR A 70 28.11 25.09 6.24
CA THR A 70 26.93 25.48 7.01
C THR A 70 25.90 26.03 6.04
N PHE A 71 24.89 25.23 5.73
CA PHE A 71 23.82 25.62 4.82
C PHE A 71 22.60 26.11 5.61
N SER A 72 21.85 27.02 4.98
CA SER A 72 20.71 27.66 5.63
C SER A 72 19.48 27.47 4.75
N LEU A 73 18.46 26.83 5.31
CA LEU A 73 17.18 26.63 4.62
C LEU A 73 16.21 27.70 5.08
N THR A 74 15.70 28.48 4.12
CA THR A 74 14.69 29.49 4.38
C THR A 74 13.40 29.10 3.69
N VAL A 75 12.31 29.02 4.44
CA VAL A 75 11.01 28.66 3.91
C VAL A 75 10.08 29.86 4.04
N VAL A 76 9.16 29.98 3.09
CA VAL A 76 8.14 31.03 3.10
C VAL A 76 6.79 30.36 2.89
N ASP A 77 5.80 30.78 3.67
CA ASP A 77 4.45 30.25 3.50
C ASP A 77 3.64 31.18 2.59
N SER A 78 2.34 30.87 2.50
CA SER A 78 1.41 31.70 1.67
C SER A 78 1.33 33.12 2.22
N ASP A 79 1.15 33.26 3.54
CA ASP A 79 1.04 34.60 4.18
C ASP A 79 2.35 35.37 3.99
N GLY A 80 3.51 34.72 4.17
CA GLY A 80 4.80 35.40 3.99
C GLY A 80 5.75 35.20 5.17
N ALA A 81 5.29 34.56 6.24
CA ALA A 81 6.15 34.33 7.39
C ALA A 81 7.28 33.37 7.03
N THR A 82 8.49 33.72 7.45
CA THR A 82 9.69 32.98 7.10
C THR A 82 10.35 32.42 8.36
N ASN A 83 10.74 31.16 8.30
CA ASN A 83 11.49 30.52 9.37
C ASN A 83 12.74 29.90 8.79
N SER A 84 13.90 30.28 9.31
CA SER A 84 15.17 29.83 8.76
C SER A 84 15.89 28.96 9.79
N THR A 85 16.24 27.75 9.38
CA THR A 85 17.00 26.83 10.19
C THR A 85 18.27 26.44 9.44
N THR A 86 19.37 26.34 10.16
CA THR A 86 20.66 26.09 9.53
C THR A 86 21.05 24.62 9.63
N ALA A 87 21.75 24.15 8.61
CA ALA A 87 22.27 22.79 8.58
C ALA A 87 23.79 22.83 8.50
N ASN A 88 24.44 21.94 9.24
CA ASN A 88 25.89 21.85 9.30
C ASN A 88 26.33 20.58 8.59
N LEU A 89 27.18 20.73 7.58
CA LEU A 89 27.73 19.61 6.84
C LEU A 89 29.25 19.62 6.98
N THR A 90 29.83 18.47 7.31
CA THR A 90 31.26 18.32 7.48
C THR A 90 31.77 17.19 6.59
N VAL A 91 32.86 17.45 5.88
CA VAL A 91 33.49 16.46 5.02
C VAL A 91 34.91 16.22 5.53
N ASN A 92 35.29 14.95 5.62
CA ASN A 92 36.60 14.58 6.12
C ASN A 92 37.68 14.89 5.08
N ASP B 1 -36.65 -9.38 17.10
CA ASP B 1 -37.77 -8.57 17.53
C ASP B 1 -38.12 -8.83 18.99
N GLY B 2 -38.12 -7.79 19.79
CA GLY B 2 -38.33 -7.93 21.21
C GLY B 2 -37.00 -7.97 21.95
N VAL B 3 -37.02 -7.47 23.19
CA VAL B 3 -35.79 -7.43 23.97
C VAL B 3 -35.32 -8.84 24.31
N GLY B 4 -36.22 -9.69 24.79
CA GLY B 4 -35.81 -11.02 25.19
C GLY B 4 -35.88 -12.04 24.08
N SER B 5 -35.20 -11.77 22.97
CA SER B 5 -35.11 -12.74 21.89
C SER B 5 -33.95 -12.36 20.98
N SER B 6 -32.94 -13.23 20.92
CA SER B 6 -31.78 -12.95 20.07
C SER B 6 -32.22 -12.81 18.63
N SER B 7 -31.67 -11.82 17.94
CA SER B 7 -32.10 -11.48 16.59
C SER B 7 -31.27 -12.20 15.53
N GLY B 8 -30.40 -13.12 15.93
CA GLY B 8 -29.62 -13.86 14.96
C GLY B 8 -28.54 -14.71 15.58
N ASN B 9 -28.35 -15.92 15.08
CA ASN B 9 -27.43 -16.86 15.69
C ASN B 9 -26.02 -16.69 15.12
N TRP B 10 -25.04 -17.03 15.94
CA TRP B 10 -23.63 -16.81 15.64
C TRP B 10 -23.17 -17.89 14.66
N HIS B 11 -23.06 -17.53 13.39
CA HIS B 11 -22.51 -18.40 12.37
C HIS B 11 -21.04 -18.06 12.18
N CYS B 12 -20.17 -19.07 12.24
CA CYS B 12 -18.77 -18.81 11.96
C CYS B 12 -18.12 -19.96 11.18
N ASP B 13 -18.89 -20.94 10.73
CA ASP B 13 -18.32 -22.09 10.05
C ASP B 13 -17.74 -21.69 8.70
N SER B 14 -17.00 -22.62 8.09
CA SER B 14 -16.37 -22.41 6.79
C SER B 14 -16.55 -23.66 5.95
N GLN B 15 -17.69 -23.73 5.25
CA GLN B 15 -18.04 -24.90 4.40
C GLN B 15 -17.11 -24.98 3.18
N TRP B 16 -16.91 -26.20 2.68
CA TRP B 16 -16.05 -26.50 1.51
C TRP B 16 -16.81 -27.47 0.62
N LEU B 17 -17.81 -26.96 -0.11
CA LEU B 17 -18.70 -27.75 -0.99
C LEU B 17 -17.89 -28.43 -2.10
N GLY B 18 -16.87 -27.74 -2.62
CA GLY B 18 -16.04 -28.24 -3.74
C GLY B 18 -16.34 -27.37 -4.93
N ASP B 19 -15.38 -26.47 -5.23
CA ASP B 19 -15.42 -25.41 -6.28
C ASP B 19 -16.17 -24.18 -5.74
N ARG B 20 -16.48 -24.18 -4.43
CA ARG B 20 -17.18 -23.09 -3.70
C ARG B 20 -16.74 -23.19 -2.23
N VAL B 21 -16.34 -22.07 -1.62
CA VAL B 21 -15.87 -22.04 -0.25
C VAL B 21 -16.60 -20.93 0.47
N ILE B 22 -17.70 -21.25 1.12
CA ILE B 22 -18.47 -20.26 1.86
C ILE B 22 -17.77 -20.07 3.20
N THR B 23 -17.30 -18.85 3.44
CA THR B 23 -16.48 -18.55 4.61
C THR B 23 -17.21 -17.51 5.46
N THR B 24 -18.09 -17.99 6.33
CA THR B 24 -18.77 -17.10 7.24
C THR B 24 -17.79 -16.64 8.31
N SER B 25 -18.09 -15.49 8.92
CA SER B 25 -17.26 -14.98 10.00
C SER B 25 -18.11 -14.08 10.87
N THR B 26 -17.84 -14.04 12.17
CA THR B 26 -18.59 -13.18 13.06
C THR B 26 -17.71 -12.68 14.18
N ARG B 27 -17.75 -11.38 14.45
CA ARG B 27 -17.02 -10.80 15.56
C ARG B 27 -17.92 -9.80 16.26
N THR B 28 -17.62 -9.53 17.52
CA THR B 28 -18.39 -8.60 18.33
C THR B 28 -17.82 -7.20 18.16
N TRP B 29 -18.69 -6.23 17.90
CA TRP B 29 -18.25 -4.87 17.62
C TRP B 29 -18.71 -3.94 18.73
N ALA B 30 -17.87 -2.97 19.07
CA ALA B 30 -18.24 -1.92 20.01
C ALA B 30 -18.01 -0.60 19.33
N LEU B 31 -19.02 0.26 19.32
CA LEU B 31 -18.97 1.50 18.57
C LEU B 31 -19.23 2.69 19.48
N PRO B 32 -18.25 3.54 19.74
CA PRO B 32 -18.50 4.71 20.58
C PRO B 32 -19.24 5.79 19.81
N THR B 33 -19.41 6.97 20.40
CA THR B 33 -19.94 8.13 19.69
C THR B 33 -18.78 9.03 19.32
N TYR B 34 -18.40 9.02 18.05
CA TYR B 34 -17.25 9.78 17.59
C TYR B 34 -17.63 11.26 17.44
N ASN B 35 -16.68 12.14 17.73
CA ASN B 35 -16.80 13.57 17.46
C ASN B 35 -18.01 14.19 18.13
N ASN B 36 -18.56 13.56 19.15
CA ASN B 36 -19.70 14.12 19.88
C ASN B 36 -20.87 14.43 18.96
N HIS B 37 -21.03 13.62 17.91
CA HIS B 37 -22.14 13.73 16.97
C HIS B 37 -22.05 15.03 16.15
N LEU B 38 -20.84 15.41 15.76
CA LEU B 38 -20.61 16.61 14.96
C LEU B 38 -19.90 16.22 13.67
N TYR B 39 -19.67 17.23 12.82
CA TYR B 39 -18.95 17.02 11.54
C TYR B 39 -17.75 17.97 11.48
N LYS B 40 -16.85 17.89 12.47
CA LYS B 40 -15.67 18.78 12.50
C LYS B 40 -14.82 18.52 11.25
N GLN B 41 -14.33 19.57 10.61
CA GLN B 41 -13.47 19.38 9.40
C GLN B 41 -12.03 19.21 9.88
N ILE B 42 -11.22 18.47 9.12
CA ILE B 42 -9.83 18.24 9.49
C ILE B 42 -8.93 18.78 8.40
N SER B 43 -7.84 19.42 8.80
CA SER B 43 -6.80 19.86 7.89
C SER B 43 -5.49 19.83 8.66
N ASN B 44 -4.38 19.86 7.93
CA ASN B 44 -3.11 19.98 8.64
C ASN B 44 -3.03 21.29 9.40
N SER B 45 -3.83 22.28 8.99
CA SER B 45 -3.92 23.52 9.77
C SER B 45 -4.44 23.26 11.18
N THR B 46 -5.29 22.25 11.36
CA THR B 46 -5.76 21.91 12.69
C THR B 46 -4.90 20.85 13.36
N SER B 47 -4.34 19.92 12.58
CA SER B 47 -3.49 18.88 13.12
C SER B 47 -2.06 19.34 13.38
N GLY B 48 -1.84 20.64 13.46
CA GLY B 48 -0.54 21.17 13.81
C GLY B 48 0.38 21.46 12.65
N GLY B 49 -0.10 21.40 11.42
CA GLY B 49 0.74 21.65 10.27
C GLY B 49 1.36 20.38 9.72
N SER B 50 1.87 20.49 8.49
CA SER B 50 2.53 19.38 7.83
C SER B 50 3.34 19.95 6.68
N SER B 51 4.08 19.06 6.01
CA SER B 51 4.88 19.45 4.86
C SER B 51 3.96 19.84 3.70
N ASN B 52 4.57 20.27 2.60
CA ASN B 52 3.79 20.54 1.40
C ASN B 52 3.14 19.25 0.89
N ASP B 53 3.84 18.13 1.02
CA ASP B 53 3.35 16.87 0.48
C ASP B 53 2.18 16.32 1.28
N ASN B 54 2.13 16.59 2.58
CA ASN B 54 1.18 15.96 3.48
C ASN B 54 -0.06 16.78 3.74
N ALA B 55 -0.24 17.91 3.05
CA ALA B 55 -1.41 18.73 3.28
C ALA B 55 -2.67 18.01 2.84
N TYR B 56 -3.75 18.20 3.59
CA TYR B 56 -5.01 17.55 3.29
C TYR B 56 -6.14 18.37 3.88
N PHE B 57 -7.34 18.17 3.34
CA PHE B 57 -8.52 18.87 3.80
C PHE B 57 -9.71 17.93 3.68
N GLY B 58 -10.27 17.54 4.81
CA GLY B 58 -11.34 16.57 4.81
C GLY B 58 -12.19 16.72 6.04
N TYR B 59 -13.27 15.96 6.09
CA TYR B 59 -14.26 16.07 7.14
C TYR B 59 -14.27 14.82 7.99
N SER B 60 -14.47 14.99 9.29
CA SER B 60 -14.43 13.90 10.24
C SER B 60 -15.86 13.52 10.60
N THR B 61 -16.50 12.78 9.76
CA THR B 61 -17.85 12.30 9.95
C THR B 61 -17.94 11.46 11.22
N PRO B 62 -19.03 11.54 11.99
CA PRO B 62 -19.14 10.75 13.22
C PRO B 62 -19.59 9.32 13.00
N TRP B 63 -19.73 8.86 11.76
CA TRP B 63 -20.18 7.51 11.51
C TRP B 63 -19.02 6.53 11.58
N GLY B 64 -19.29 5.34 12.09
CA GLY B 64 -18.33 4.24 12.04
C GLY B 64 -18.72 3.29 10.93
N TYR B 65 -17.72 2.79 10.22
CA TYR B 65 -17.96 1.93 9.07
C TYR B 65 -17.31 0.58 9.27
N PHE B 66 -18.06 -0.49 9.02
CA PHE B 66 -17.51 -1.86 9.16
C PHE B 66 -16.62 -2.15 7.94
N ASP B 67 -15.34 -2.48 8.18
CA ASP B 67 -14.42 -2.79 7.05
C ASP B 67 -13.98 -4.25 7.19
N PHE B 68 -14.08 -5.03 6.10
CA PHE B 68 -13.67 -6.45 6.15
C PHE B 68 -12.92 -6.84 4.88
N ASN B 69 -12.14 -5.92 4.31
CA ASN B 69 -11.38 -6.22 3.11
C ASN B 69 -9.96 -6.65 3.45
N ARG B 70 -9.82 -7.61 4.35
CA ARG B 70 -8.55 -8.25 4.61
C ARG B 70 -8.79 -9.74 4.65
N PHE B 71 -7.89 -10.51 4.07
CA PHE B 71 -8.18 -11.92 3.87
C PHE B 71 -8.32 -12.67 5.18
N HIS B 72 -7.65 -12.23 6.24
CA HIS B 72 -7.73 -13.02 7.46
C HIS B 72 -8.98 -12.73 8.27
N CYS B 73 -9.83 -11.80 7.83
CA CYS B 73 -11.13 -11.66 8.47
C CYS B 73 -11.96 -12.93 8.29
N HIS B 74 -11.91 -13.52 7.10
CA HIS B 74 -12.71 -14.69 6.76
C HIS B 74 -11.96 -16.00 6.90
N PHE B 75 -10.74 -16.08 6.38
CA PHE B 75 -10.03 -17.34 6.26
C PHE B 75 -9.21 -17.62 7.51
N SER B 76 -9.62 -18.63 8.27
CA SER B 76 -8.76 -19.15 9.31
C SER B 76 -7.49 -19.72 8.68
N PRO B 77 -6.34 -19.55 9.32
CA PRO B 77 -5.09 -19.93 8.67
C PRO B 77 -5.08 -21.35 8.15
N ARG B 78 -5.86 -22.25 8.74
CA ARG B 78 -6.00 -23.58 8.16
C ARG B 78 -6.74 -23.54 6.84
N ASP B 79 -7.81 -22.75 6.74
CA ASP B 79 -8.47 -22.59 5.46
C ASP B 79 -7.55 -21.95 4.43
N TRP B 80 -6.76 -20.98 4.86
CA TRP B 80 -5.82 -20.37 3.93
C TRP B 80 -4.78 -21.38 3.48
N GLN B 81 -4.39 -22.30 4.35
CA GLN B 81 -3.51 -23.37 3.93
C GLN B 81 -4.19 -24.27 2.90
N ARG B 82 -5.45 -24.65 3.16
CA ARG B 82 -6.18 -25.49 2.21
C ARG B 82 -6.48 -24.78 0.91
N LEU B 83 -6.38 -23.45 0.88
CA LEU B 83 -6.65 -22.72 -0.34
C LEU B 83 -5.39 -22.34 -1.11
N ILE B 84 -4.24 -22.22 -0.47
CA ILE B 84 -3.04 -22.00 -1.24
C ILE B 84 -2.39 -23.31 -1.65
N ASN B 85 -2.49 -24.34 -0.81
CA ASN B 85 -1.80 -25.59 -1.09
C ASN B 85 -2.26 -26.21 -2.39
N ASN B 86 -3.57 -26.35 -2.56
CA ASN B 86 -4.10 -27.02 -3.75
C ASN B 86 -5.30 -26.24 -4.29
N ASN B 87 -4.99 -25.25 -5.15
CA ASN B 87 -5.91 -24.37 -5.85
C ASN B 87 -5.11 -23.47 -6.77
N TRP B 88 -5.65 -23.17 -7.94
CA TRP B 88 -5.00 -22.32 -8.93
C TRP B 88 -5.69 -20.98 -9.08
N GLY B 89 -6.41 -20.53 -8.07
CA GLY B 89 -7.03 -19.22 -8.14
C GLY B 89 -8.39 -19.23 -7.50
N PHE B 90 -8.83 -18.04 -7.14
CA PHE B 90 -10.10 -17.89 -6.47
C PHE B 90 -10.61 -16.48 -6.70
N ARG B 91 -11.91 -16.29 -6.47
CA ARG B 91 -12.45 -14.95 -6.56
C ARG B 91 -13.71 -14.91 -5.74
N PRO B 92 -14.01 -13.82 -5.06
CA PRO B 92 -15.27 -13.73 -4.35
C PRO B 92 -16.43 -13.82 -5.32
N LYS B 93 -17.54 -14.36 -4.87
CA LYS B 93 -18.71 -14.52 -5.71
C LYS B 93 -19.95 -13.82 -5.16
N ARG B 94 -20.15 -13.86 -3.85
CA ARG B 94 -21.30 -13.20 -3.24
C ARG B 94 -20.88 -12.64 -1.89
N LEU B 95 -21.79 -11.92 -1.26
CA LEU B 95 -21.58 -11.40 0.08
C LEU B 95 -22.88 -11.54 0.84
N ASN B 96 -22.80 -11.46 2.15
CA ASN B 96 -23.99 -11.51 2.99
C ASN B 96 -23.61 -10.93 4.34
N PHE B 97 -24.19 -9.80 4.68
CA PHE B 97 -23.74 -9.02 5.81
C PHE B 97 -24.89 -8.87 6.79
N LYS B 98 -24.98 -9.76 7.76
CA LYS B 98 -25.99 -9.69 8.80
C LYS B 98 -25.40 -8.94 9.99
N LEU B 99 -26.01 -7.82 10.32
CA LEU B 99 -25.68 -7.05 11.51
C LEU B 99 -26.82 -7.24 12.50
N PHE B 100 -26.58 -8.01 13.55
CA PHE B 100 -27.66 -8.42 14.42
C PHE B 100 -27.28 -8.22 15.88
N ASN B 101 -28.29 -8.28 16.74
CA ASN B 101 -28.09 -8.39 18.18
C ASN B 101 -27.53 -7.11 18.79
N ILE B 102 -27.95 -5.96 18.26
CA ILE B 102 -27.54 -4.69 18.82
C ILE B 102 -28.00 -4.58 20.27
N GLN B 103 -27.15 -3.98 21.10
CA GLN B 103 -27.57 -3.53 22.43
C GLN B 103 -26.90 -2.20 22.70
N VAL B 104 -27.69 -1.16 22.97
CA VAL B 104 -27.18 0.18 23.20
C VAL B 104 -27.07 0.40 24.70
N LYS B 105 -25.94 0.92 25.15
CA LYS B 105 -25.67 1.06 26.57
C LYS B 105 -25.38 2.52 26.91
N GLU B 106 -25.91 2.98 28.04
CA GLU B 106 -25.76 4.35 28.49
C GLU B 106 -24.72 4.41 29.59
N VAL B 107 -23.78 5.35 29.45
CA VAL B 107 -22.70 5.51 30.41
C VAL B 107 -22.98 6.73 31.26
N THR B 108 -22.96 6.56 32.58
CA THR B 108 -23.18 7.65 33.52
C THR B 108 -21.92 7.84 34.36
N ASP B 109 -21.47 9.08 34.48
CA ASP B 109 -20.26 9.40 35.23
C ASP B 109 -20.63 10.32 36.39
N ASN B 110 -20.76 9.75 37.58
CA ASN B 110 -21.04 10.52 38.79
C ASN B 110 -19.89 10.30 39.77
N ASN B 111 -19.23 11.40 40.14
CA ASN B 111 -18.10 11.36 41.08
C ASN B 111 -17.03 10.38 40.60
N GLY B 112 -16.81 10.35 39.30
CA GLY B 112 -15.83 9.44 38.73
C GLY B 112 -16.14 7.97 38.90
N VAL B 113 -17.42 7.61 38.92
CA VAL B 113 -17.84 6.21 39.06
C VAL B 113 -18.60 5.84 37.80
N LYS B 114 -18.12 4.82 37.10
CA LYS B 114 -18.65 4.44 35.80
C LYS B 114 -19.76 3.41 36.01
N THR B 115 -21.00 3.81 35.75
CA THR B 115 -22.15 2.93 35.85
C THR B 115 -22.78 2.79 34.48
N ILE B 116 -22.82 1.56 33.97
CA ILE B 116 -23.21 1.29 32.59
C ILE B 116 -24.52 0.52 32.61
N ALA B 117 -25.60 1.19 32.23
CA ALA B 117 -26.92 0.57 32.15
C ALA B 117 -27.49 0.78 30.76
N ASN B 118 -28.11 -0.26 30.22
CA ASN B 118 -28.45 -0.25 28.80
C ASN B 118 -29.75 0.51 28.56
N ASN B 119 -29.85 1.09 27.37
CA ASN B 119 -31.05 1.79 26.94
C ASN B 119 -31.89 0.86 26.07
N LEU B 120 -33.01 0.42 26.59
CA LEU B 120 -33.91 -0.41 25.80
C LEU B 120 -34.67 0.39 24.76
N THR B 121 -34.35 1.67 24.59
CA THR B 121 -35.06 2.51 23.63
C THR B 121 -34.17 3.19 22.61
N SER B 122 -32.92 3.51 22.94
CA SER B 122 -32.07 4.24 22.02
C SER B 122 -31.77 3.42 20.77
N THR B 123 -31.62 4.12 19.65
CA THR B 123 -31.52 3.49 18.34
C THR B 123 -30.17 3.76 17.72
N VAL B 124 -29.67 2.80 16.95
CA VAL B 124 -28.41 2.91 16.23
C VAL B 124 -28.68 2.76 14.73
N GLN B 125 -28.19 3.72 13.95
CA GLN B 125 -28.51 3.76 12.52
C GLN B 125 -27.51 2.93 11.73
N VAL B 126 -27.98 2.27 10.69
CA VAL B 126 -27.15 1.51 9.79
C VAL B 126 -27.63 1.78 8.37
N PHE B 127 -26.69 1.96 7.44
CA PHE B 127 -27.07 2.02 6.04
C PHE B 127 -25.85 1.70 5.20
N THR B 128 -26.10 1.19 4.01
CA THR B 128 -25.04 0.79 3.10
C THR B 128 -24.98 1.74 1.92
N ASP B 129 -23.79 2.24 1.63
CA ASP B 129 -23.58 3.15 0.51
C ASP B 129 -23.69 2.34 -0.78
N SER B 130 -24.92 1.99 -1.13
CA SER B 130 -25.15 1.03 -2.20
C SER B 130 -25.07 1.61 -3.59
N ASP B 131 -24.72 2.89 -3.74
CA ASP B 131 -24.47 3.47 -5.04
C ASP B 131 -23.10 4.12 -5.16
N TYR B 132 -22.23 3.95 -4.15
CA TYR B 132 -20.87 4.46 -4.18
C TYR B 132 -20.84 5.96 -4.41
N GLN B 133 -21.90 6.65 -3.97
CA GLN B 133 -21.96 8.09 -4.01
C GLN B 133 -21.37 8.72 -2.76
N LEU B 134 -20.46 8.02 -2.10
CA LEU B 134 -19.66 8.50 -1.00
C LEU B 134 -18.20 8.21 -1.30
N PRO B 135 -17.28 8.92 -0.69
CA PRO B 135 -15.86 8.66 -0.96
C PRO B 135 -15.42 7.33 -0.39
N TYR B 136 -15.11 6.37 -1.28
CA TYR B 136 -14.78 5.02 -0.86
C TYR B 136 -13.44 5.00 -0.12
N VAL B 137 -13.45 4.56 1.13
CA VAL B 137 -12.26 4.56 1.97
C VAL B 137 -11.85 3.16 2.40
N LEU B 138 -12.60 2.14 2.00
CA LEU B 138 -12.15 0.77 2.09
C LEU B 138 -11.19 0.52 0.94
N GLY B 139 -10.03 -0.03 1.23
CA GLY B 139 -9.10 -0.24 0.13
C GLY B 139 -7.80 0.51 0.26
N SER B 140 -7.32 0.68 1.48
CA SER B 140 -5.95 1.07 1.74
C SER B 140 -5.36 0.29 2.91
N ALA B 141 -6.00 -0.83 3.27
CA ALA B 141 -5.62 -1.63 4.42
C ALA B 141 -5.62 -0.79 5.70
N HIS B 142 -6.64 0.04 5.85
CA HIS B 142 -6.77 0.85 7.05
C HIS B 142 -7.04 -0.04 8.26
N GLU B 143 -6.24 0.13 9.30
CA GLU B 143 -6.28 -0.78 10.42
C GLU B 143 -7.53 -0.57 11.25
N GLY B 144 -8.66 -1.07 10.76
CA GLY B 144 -9.87 -1.10 11.56
C GLY B 144 -10.71 -2.32 11.24
N CYS B 145 -10.17 -3.21 10.42
CA CYS B 145 -10.94 -4.28 9.85
C CYS B 145 -11.28 -5.32 10.91
N LEU B 146 -12.11 -6.30 10.51
CA LEU B 146 -12.53 -7.33 11.44
C LEU B 146 -11.30 -8.05 11.99
N PRO B 147 -11.25 -8.43 13.38
CA PRO B 147 -10.20 -9.20 14.46
C PRO B 147 -9.76 -10.50 13.79
N PRO B 148 -8.44 -10.80 13.69
CA PRO B 148 -7.99 -12.02 13.05
C PRO B 148 -8.54 -13.24 13.81
N PHE B 149 -8.53 -13.18 15.15
CA PHE B 149 -9.03 -14.29 15.99
C PHE B 149 -10.51 -14.00 16.32
N PRO B 150 -11.44 -14.90 15.97
CA PRO B 150 -12.89 -14.67 16.17
C PRO B 150 -13.33 -14.07 17.51
N ALA B 151 -12.81 -14.56 18.63
CA ALA B 151 -13.25 -14.07 19.95
C ALA B 151 -13.01 -12.56 20.07
N ASP B 152 -11.87 -12.08 19.56
CA ASP B 152 -11.47 -10.65 19.63
C ASP B 152 -12.63 -9.69 19.33
N VAL B 153 -12.96 -8.83 20.30
CA VAL B 153 -13.96 -7.79 20.16
C VAL B 153 -13.27 -6.49 19.73
N PHE B 154 -13.77 -5.87 18.67
CA PHE B 154 -13.06 -4.77 18.04
C PHE B 154 -13.88 -3.49 18.07
N MET B 155 -13.18 -2.36 17.98
CA MET B 155 -13.82 -1.04 17.94
C MET B 155 -13.98 -0.61 16.49
N ILE B 156 -15.16 -0.13 16.15
CA ILE B 156 -15.43 0.22 14.75
C ILE B 156 -14.71 1.51 14.39
N PRO B 157 -13.93 1.53 13.32
CA PRO B 157 -13.16 2.73 12.99
C PRO B 157 -14.04 3.87 12.52
N GLN B 158 -13.54 5.09 12.68
CA GLN B 158 -14.28 6.28 12.31
C GLN B 158 -14.20 6.53 10.81
N TYR B 159 -15.25 7.11 10.25
CA TYR B 159 -15.31 7.39 8.83
C TYR B 159 -15.02 8.86 8.57
N GLY B 160 -13.95 9.14 7.85
CA GLY B 160 -13.64 10.51 7.47
C GLY B 160 -12.93 10.56 6.14
N TYR B 161 -13.46 11.35 5.21
CA TYR B 161 -12.96 11.36 3.85
C TYR B 161 -12.06 12.57 3.64
N LEU B 162 -11.44 12.61 2.46
CA LEU B 162 -10.63 13.75 2.04
C LEU B 162 -11.15 14.28 0.71
N THR B 163 -11.03 15.59 0.52
CA THR B 163 -11.42 16.22 -0.74
C THR B 163 -10.29 17.08 -1.26
N LEU B 164 -10.56 17.91 -2.27
CA LEU B 164 -9.51 18.72 -2.85
C LEU B 164 -9.01 19.76 -1.86
N ASN B 165 -7.75 20.17 -2.02
CA ASN B 165 -7.10 21.01 -1.02
C ASN B 165 -5.94 21.74 -1.66
N ASP B 166 -6.06 23.04 -1.82
CA ASP B 166 -4.97 23.90 -2.29
C ASP B 166 -4.19 24.31 -1.05
N GLY B 167 -3.20 23.51 -0.69
CA GLY B 167 -2.62 23.67 0.63
C GLY B 167 -3.55 23.02 1.64
N SER B 168 -3.92 23.76 2.67
CA SER B 168 -4.92 23.29 3.63
C SER B 168 -6.27 23.96 3.45
N GLN B 169 -6.45 24.72 2.37
CA GLN B 169 -7.69 25.41 2.11
C GLN B 169 -8.45 24.72 0.98
N ALA B 170 -9.75 24.58 1.17
CA ALA B 170 -10.56 23.92 0.16
C ALA B 170 -10.68 24.79 -1.08
N VAL B 171 -11.21 24.19 -2.14
CA VAL B 171 -11.50 24.92 -3.36
C VAL B 171 -12.99 24.80 -3.63
N GLY B 172 -13.44 25.36 -4.74
CA GLY B 172 -14.87 25.30 -5.04
C GLY B 172 -15.35 23.89 -5.27
N ARG B 173 -14.53 23.06 -5.92
CA ARG B 173 -14.92 21.69 -6.17
C ARG B 173 -14.92 20.82 -4.92
N SER B 174 -14.35 21.29 -3.83
CA SER B 174 -14.28 20.47 -2.62
C SER B 174 -15.68 20.12 -2.15
N SER B 175 -16.00 18.83 -2.17
CA SER B 175 -17.33 18.34 -1.88
C SER B 175 -17.46 18.05 -0.39
N PHE B 176 -18.67 18.19 0.12
CA PHE B 176 -18.98 17.92 1.52
C PHE B 176 -20.20 17.01 1.58
N TYR B 177 -19.97 15.71 1.74
CA TYR B 177 -21.04 14.73 1.78
C TYR B 177 -21.53 14.60 3.22
N CYS B 178 -22.79 14.96 3.45
CA CYS B 178 -23.40 14.81 4.77
C CYS B 178 -24.03 13.44 4.85
N LEU B 179 -23.52 12.61 5.76
CA LEU B 179 -23.92 11.20 5.78
C LEU B 179 -25.40 11.04 6.10
N GLU B 180 -25.94 11.83 7.03
CA GLU B 180 -27.33 11.66 7.41
C GLU B 180 -28.28 11.94 6.26
N TYR B 181 -27.82 12.58 5.20
CA TYR B 181 -28.57 12.89 4.00
C TYR B 181 -28.88 11.68 3.18
N PHE B 182 -28.54 10.50 3.70
CA PHE B 182 -28.77 9.21 3.08
C PHE B 182 -29.85 8.45 3.85
N PRO B 183 -30.66 7.68 3.16
CA PRO B 183 -31.72 6.95 3.87
C PRO B 183 -31.18 5.83 4.71
N SER B 184 -31.14 6.04 6.03
CA SER B 184 -30.57 5.10 6.96
C SER B 184 -31.57 3.98 7.26
N GLN B 185 -31.24 3.17 8.26
CA GLN B 185 -32.16 2.21 8.85
C GLN B 185 -31.88 2.16 10.34
N MET B 186 -32.94 2.28 11.14
CA MET B 186 -32.78 2.46 12.58
C MET B 186 -33.06 1.16 13.31
N LEU B 187 -32.06 0.67 14.03
CA LEU B 187 -32.15 -0.55 14.82
C LEU B 187 -32.09 -0.18 16.28
N ARG B 188 -32.99 -0.74 17.09
CA ARG B 188 -33.15 -0.28 18.47
C ARG B 188 -33.23 -1.47 19.43
N THR B 189 -32.21 -2.34 19.39
CA THR B 189 -31.82 -3.45 20.27
C THR B 189 -32.62 -4.71 20.04
N GLY B 190 -33.55 -4.73 19.11
CA GLY B 190 -34.28 -5.93 18.82
C GLY B 190 -34.34 -6.22 17.34
N ASN B 191 -33.65 -5.41 16.54
CA ASN B 191 -33.68 -5.55 15.09
C ASN B 191 -32.33 -6.00 14.58
N ASN B 192 -32.33 -6.47 13.33
CA ASN B 192 -31.13 -6.91 12.66
C ASN B 192 -31.11 -6.36 11.24
N PHE B 193 -29.91 -6.23 10.70
CA PHE B 193 -29.69 -5.65 9.39
C PHE B 193 -29.07 -6.71 8.48
N GLN B 194 -29.38 -6.63 7.19
CA GLN B 194 -28.88 -7.65 6.26
C GLN B 194 -28.95 -7.13 4.84
N PHE B 195 -27.82 -7.12 4.15
CA PHE B 195 -27.86 -6.90 2.71
C PHE B 195 -27.05 -8.00 2.04
N SER B 196 -27.54 -8.46 0.90
CA SER B 196 -26.82 -9.42 0.07
C SER B 196 -26.24 -8.68 -1.11
N TYR B 197 -24.97 -8.95 -1.40
CA TYR B 197 -24.27 -8.26 -2.47
C TYR B 197 -23.68 -9.27 -3.43
N GLU B 198 -23.86 -9.03 -4.74
CA GLU B 198 -23.33 -9.96 -5.78
C GLU B 198 -22.05 -9.38 -6.39
N PHE B 199 -20.92 -10.08 -6.21
CA PHE B 199 -19.64 -9.66 -6.76
C PHE B 199 -19.68 -9.70 -8.27
N GLU B 200 -19.12 -8.68 -8.91
CA GLU B 200 -19.10 -8.67 -10.36
C GLU B 200 -18.05 -9.64 -10.88
N ASN B 201 -18.00 -9.77 -12.20
CA ASN B 201 -17.12 -10.76 -12.83
C ASN B 201 -15.68 -10.26 -12.76
N VAL B 202 -15.01 -10.59 -11.66
CA VAL B 202 -13.63 -10.19 -11.44
C VAL B 202 -12.73 -11.38 -11.80
N PRO B 203 -11.62 -11.17 -12.51
CA PRO B 203 -10.85 -12.31 -13.02
C PRO B 203 -10.24 -13.13 -11.90
N PHE B 204 -10.06 -14.43 -12.18
CA PHE B 204 -9.46 -15.34 -11.21
C PHE B 204 -8.10 -14.83 -10.78
N HIS B 205 -7.85 -14.83 -9.47
CA HIS B 205 -6.55 -14.42 -8.99
C HIS B 205 -5.52 -15.51 -9.26
N SER B 206 -4.28 -15.11 -9.47
CA SER B 206 -3.21 -16.04 -9.81
C SER B 206 -2.61 -16.60 -8.53
N SER B 207 -3.09 -17.78 -8.14
CA SER B 207 -2.54 -18.49 -6.97
C SER B 207 -1.51 -19.53 -7.38
N TYR B 208 -0.52 -19.16 -8.17
CA TYR B 208 0.46 -20.14 -8.64
C TYR B 208 1.71 -19.41 -9.10
N ALA B 209 2.86 -20.01 -8.82
CA ALA B 209 4.12 -19.49 -9.31
C ALA B 209 4.52 -20.26 -10.55
N HIS B 210 5.13 -19.55 -11.49
CA HIS B 210 5.40 -20.11 -12.81
C HIS B 210 6.67 -20.95 -12.74
N SER B 211 6.59 -22.18 -13.22
CA SER B 211 7.73 -23.08 -13.23
C SER B 211 8.44 -23.09 -14.57
N GLN B 212 8.50 -21.95 -15.25
CA GLN B 212 9.24 -21.85 -16.50
C GLN B 212 9.60 -20.40 -16.72
N SER B 213 10.88 -20.07 -16.54
CA SER B 213 11.31 -18.70 -16.67
C SER B 213 10.99 -18.17 -18.06
N LEU B 214 10.47 -16.94 -18.12
CA LEU B 214 10.04 -16.38 -19.39
C LEU B 214 11.16 -16.27 -20.40
N ASP B 215 12.41 -16.24 -19.96
CA ASP B 215 13.54 -16.22 -20.86
C ASP B 215 14.15 -17.59 -21.10
N ARG B 216 13.53 -18.64 -20.59
CA ARG B 216 13.90 -20.03 -20.87
C ARG B 216 12.68 -20.81 -21.33
N LEU B 217 11.92 -20.22 -22.23
CA LEU B 217 10.67 -20.81 -22.71
C LEU B 217 10.87 -21.71 -23.92
N MET B 218 12.09 -21.84 -24.43
CA MET B 218 12.33 -22.49 -25.70
C MET B 218 12.57 -23.98 -25.53
N ASN B 219 13.10 -24.60 -26.58
CA ASN B 219 13.45 -26.02 -26.61
C ASN B 219 14.96 -26.14 -26.58
N PRO B 220 15.56 -26.82 -25.61
CA PRO B 220 17.01 -26.77 -25.50
C PRO B 220 17.74 -27.76 -26.40
N LEU B 221 17.06 -28.30 -27.42
CA LEU B 221 17.67 -29.32 -28.25
C LEU B 221 17.72 -28.99 -29.73
N ILE B 222 17.06 -27.93 -30.18
CA ILE B 222 16.94 -27.64 -31.61
C ILE B 222 17.30 -26.18 -31.85
N ASP B 223 18.03 -25.94 -32.95
CA ASP B 223 18.34 -24.58 -33.36
C ASP B 223 17.06 -23.85 -33.75
N GLN B 224 17.17 -22.59 -34.13
CA GLN B 224 15.96 -21.78 -34.29
C GLN B 224 15.84 -21.11 -35.66
N TYR B 225 16.64 -21.48 -36.64
CA TYR B 225 16.50 -20.98 -38.02
C TYR B 225 16.30 -19.47 -38.10
N LEU B 226 16.72 -18.71 -37.10
CA LEU B 226 16.70 -17.25 -37.18
C LEU B 226 18.09 -16.75 -36.82
N TYR B 227 18.88 -16.45 -37.82
CA TYR B 227 20.27 -16.07 -37.61
C TYR B 227 20.36 -14.74 -36.89
N TYR B 228 21.30 -14.64 -35.95
CA TYR B 228 21.54 -13.42 -35.20
C TYR B 228 22.95 -12.92 -35.52
N LEU B 229 23.13 -11.61 -35.43
CA LEU B 229 24.43 -11.02 -35.72
C LEU B 229 25.38 -11.37 -34.58
N SER B 230 26.49 -12.03 -34.89
CA SER B 230 27.40 -12.53 -33.86
C SER B 230 28.71 -11.77 -33.81
N LYS B 231 29.40 -11.63 -34.93
CA LYS B 231 30.67 -10.92 -34.99
C LYS B 231 30.52 -9.67 -35.83
N THR B 232 31.39 -8.70 -35.60
CA THR B 232 31.34 -7.47 -36.38
C THR B 232 32.74 -7.07 -36.82
N ILE B 233 33.77 -7.58 -36.15
CA ILE B 233 35.15 -7.39 -36.58
C ILE B 233 35.77 -8.76 -36.76
N ASN B 234 36.49 -8.94 -37.87
CA ASN B 234 37.18 -10.22 -38.10
C ASN B 234 38.24 -10.48 -37.05
N GLY B 235 39.04 -9.47 -36.73
CA GLY B 235 40.09 -9.63 -35.74
C GLY B 235 40.66 -8.28 -35.39
N SER B 236 41.45 -8.27 -34.32
CA SER B 236 42.02 -7.04 -33.79
C SER B 236 42.91 -6.39 -34.84
N GLY B 237 42.57 -5.19 -35.26
CA GLY B 237 43.39 -4.50 -36.24
C GLY B 237 42.73 -3.22 -36.70
N GLN B 238 43.34 -2.62 -37.71
CA GLN B 238 42.83 -1.40 -38.32
C GLN B 238 42.02 -1.75 -39.56
N ASN B 239 40.84 -1.16 -39.68
CA ASN B 239 40.00 -1.30 -40.87
C ASN B 239 39.71 -2.77 -41.17
N GLN B 240 39.02 -3.42 -40.24
CA GLN B 240 38.67 -4.82 -40.39
C GLN B 240 37.20 -5.04 -40.05
N GLN B 241 36.33 -4.19 -40.56
CA GLN B 241 34.90 -4.38 -40.36
C GLN B 241 34.41 -5.58 -41.15
N THR B 242 33.41 -6.26 -40.60
CA THR B 242 32.76 -7.36 -41.28
C THR B 242 31.38 -7.55 -40.66
N LEU B 243 30.66 -8.54 -41.16
CA LEU B 243 29.28 -8.75 -40.68
C LEU B 243 28.99 -10.24 -40.79
N LYS B 244 29.22 -10.97 -39.70
CA LYS B 244 29.06 -12.42 -39.68
C LYS B 244 27.87 -12.77 -38.81
N PHE B 245 26.91 -13.48 -39.39
CA PHE B 245 25.77 -14.00 -38.66
C PHE B 245 26.04 -15.43 -38.22
N SER B 246 25.15 -15.95 -37.37
CA SER B 246 25.21 -17.34 -36.97
C SER B 246 23.85 -17.73 -36.43
N VAL B 247 23.60 -19.04 -36.35
CA VAL B 247 22.30 -19.53 -35.92
C VAL B 247 22.18 -19.42 -34.41
N ALA B 248 20.98 -19.13 -33.95
CA ALA B 248 20.71 -18.99 -32.52
C ALA B 248 20.11 -20.29 -32.00
N GLY B 249 20.91 -21.10 -31.32
CA GLY B 249 20.50 -22.44 -30.96
C GLY B 249 20.34 -22.61 -29.48
N PRO B 250 20.74 -23.78 -28.96
CA PRO B 250 20.78 -23.96 -27.51
C PRO B 250 22.10 -23.57 -26.90
N SER B 251 23.18 -23.56 -27.67
CA SER B 251 24.48 -23.18 -27.12
C SER B 251 24.51 -21.74 -26.68
N ASN B 252 23.67 -20.89 -27.27
CA ASN B 252 23.59 -19.47 -26.92
C ASN B 252 22.12 -19.09 -26.87
N MET B 253 21.52 -19.23 -25.69
CA MET B 253 20.11 -18.93 -25.52
C MET B 253 19.83 -17.46 -25.25
N ALA B 254 20.86 -16.65 -25.03
CA ALA B 254 20.63 -15.24 -24.79
C ALA B 254 20.06 -14.56 -26.02
N VAL B 255 20.62 -14.82 -27.20
CA VAL B 255 20.26 -14.11 -28.41
C VAL B 255 19.12 -14.79 -29.14
N GLN B 256 18.46 -15.74 -28.50
CA GLN B 256 17.39 -16.50 -29.13
C GLN B 256 16.19 -15.60 -29.39
N GLY B 257 15.57 -15.73 -30.56
CA GLY B 257 14.39 -14.94 -30.84
C GLY B 257 13.23 -15.36 -29.97
N ARG B 258 12.50 -14.37 -29.45
CA ARG B 258 11.46 -14.62 -28.47
C ARG B 258 10.19 -13.87 -28.81
N ASN B 259 9.06 -14.52 -28.56
CA ASN B 259 7.76 -13.94 -28.86
C ASN B 259 7.33 -12.89 -27.85
N TYR B 260 7.71 -13.03 -26.57
CA TYR B 260 7.16 -12.20 -25.52
C TYR B 260 8.28 -11.69 -24.62
N ILE B 261 8.04 -10.55 -23.98
CA ILE B 261 9.07 -9.89 -23.19
C ILE B 261 8.50 -9.59 -21.81
N PRO B 262 9.35 -9.50 -20.79
CA PRO B 262 8.85 -9.37 -19.42
C PRO B 262 8.12 -8.06 -19.20
N GLY B 263 7.32 -8.04 -18.14
CA GLY B 263 6.40 -6.95 -17.89
C GLY B 263 7.05 -5.64 -17.50
N PRO B 264 6.24 -4.67 -17.08
CA PRO B 264 6.74 -3.32 -16.87
C PRO B 264 7.71 -3.25 -15.70
N SER B 265 8.38 -2.10 -15.60
CA SER B 265 9.37 -1.87 -14.55
C SER B 265 9.34 -0.41 -14.14
N TYR B 266 9.47 -0.17 -12.84
CA TYR B 266 9.62 1.18 -12.30
C TYR B 266 10.63 1.09 -11.17
N ARG B 267 11.90 1.31 -11.50
CA ARG B 267 12.98 0.90 -10.62
C ARG B 267 12.84 1.50 -9.22
N GLN B 268 13.04 0.65 -8.21
CA GLN B 268 12.99 1.01 -6.80
C GLN B 268 14.40 1.05 -6.26
N GLN B 269 14.60 1.82 -5.20
CA GLN B 269 15.88 1.81 -4.52
C GLN B 269 16.10 0.47 -3.81
N ARG B 270 17.36 0.08 -3.69
CA ARG B 270 17.72 -1.20 -3.08
C ARG B 270 18.19 -0.96 -1.65
N VAL B 271 17.58 -1.65 -0.70
CA VAL B 271 18.03 -1.61 0.68
C VAL B 271 18.19 -3.04 1.17
N SER B 272 19.29 -3.29 1.88
CA SER B 272 19.65 -4.63 2.31
C SER B 272 19.37 -4.79 3.79
N THR B 273 18.76 -5.93 4.14
CA THR B 273 18.39 -6.18 5.53
C THR B 273 19.59 -6.25 6.46
N THR B 274 20.74 -6.73 5.98
CA THR B 274 21.98 -6.69 6.74
C THR B 274 22.43 -5.24 6.79
N VAL B 275 22.16 -4.58 7.91
CA VAL B 275 22.24 -3.13 7.99
C VAL B 275 23.62 -2.59 7.69
N THR B 276 24.65 -3.44 7.70
CA THR B 276 26.00 -2.95 7.46
C THR B 276 26.17 -2.46 6.03
N GLN B 277 25.54 -3.14 5.07
CA GLN B 277 25.80 -2.85 3.66
C GLN B 277 25.14 -1.56 3.17
N ASN B 278 24.03 -1.14 3.77
CA ASN B 278 23.39 0.09 3.33
C ASN B 278 24.31 1.29 3.55
N ASN B 279 24.19 2.27 2.67
CA ASN B 279 25.04 3.44 2.75
C ASN B 279 24.75 4.24 4.01
N ASN B 280 25.78 4.92 4.50
CA ASN B 280 25.71 5.63 5.78
C ASN B 280 25.14 7.04 5.58
N SER B 281 23.91 7.10 5.10
CA SER B 281 23.22 8.37 4.93
C SER B 281 21.72 8.11 4.92
N GLU B 282 20.95 9.15 5.23
CA GLU B 282 19.51 8.99 5.37
C GLU B 282 18.89 9.11 3.99
N PHE B 283 18.68 7.96 3.35
CA PHE B 283 18.06 7.89 2.04
C PHE B 283 16.65 7.35 2.10
N ALA B 284 15.98 7.49 3.25
CA ALA B 284 14.61 7.00 3.37
C ALA B 284 13.69 7.70 2.39
N TRP B 285 13.52 9.02 2.55
CA TRP B 285 12.74 9.80 1.61
C TRP B 285 13.53 10.19 0.37
N PRO B 286 14.69 10.87 0.47
CA PRO B 286 15.38 11.30 -0.74
C PRO B 286 16.07 10.13 -1.41
N GLY B 287 15.50 9.68 -2.53
CA GLY B 287 16.06 8.53 -3.21
C GLY B 287 15.11 7.36 -3.25
N ALA B 288 13.82 7.62 -3.32
CA ALA B 288 12.82 6.59 -3.47
C ALA B 288 11.81 7.01 -4.53
N SER B 289 11.32 6.04 -5.29
CA SER B 289 10.46 6.32 -6.42
C SER B 289 9.17 7.01 -5.97
N SER B 290 8.78 8.06 -6.69
CA SER B 290 7.57 8.79 -6.37
C SER B 290 6.96 9.32 -7.65
N TRP B 291 5.64 9.46 -7.66
CA TRP B 291 4.96 9.87 -8.89
C TRP B 291 4.51 11.32 -8.93
N ALA B 292 4.03 11.90 -7.83
CA ALA B 292 3.96 13.35 -7.70
C ALA B 292 3.06 13.99 -8.77
N LEU B 293 1.76 13.76 -8.64
CA LEU B 293 0.82 14.59 -9.39
C LEU B 293 0.49 15.85 -8.60
N ASN B 294 0.11 16.90 -9.33
CA ASN B 294 -0.29 18.18 -8.75
C ASN B 294 0.80 18.82 -7.91
N GLY B 295 2.06 18.51 -8.18
CA GLY B 295 3.15 19.20 -7.53
C GLY B 295 3.50 18.71 -6.14
N ARG B 296 2.83 17.69 -5.62
CA ARG B 296 3.18 17.12 -4.34
C ARG B 296 3.62 15.68 -4.53
N ASN B 297 4.81 15.36 -4.01
CA ASN B 297 5.37 14.02 -4.14
C ASN B 297 4.57 13.01 -3.32
N SER B 298 4.79 11.74 -3.63
CA SER B 298 4.19 10.64 -2.89
C SER B 298 4.87 9.35 -3.28
N LEU B 299 5.31 8.56 -2.31
CA LEU B 299 6.10 7.37 -2.61
C LEU B 299 5.34 6.44 -3.54
N MET B 300 6.09 5.86 -4.49
CA MET B 300 5.53 4.87 -5.45
C MET B 300 5.38 3.56 -4.65
N ASN B 301 4.61 3.62 -3.56
CA ASN B 301 4.38 2.46 -2.66
C ASN B 301 3.04 1.84 -3.02
N PRO B 302 2.95 0.52 -3.30
CA PRO B 302 4.11 -0.33 -3.54
C PRO B 302 4.53 -0.30 -5.02
N GLY B 303 3.77 0.43 -5.85
CA GLY B 303 4.07 0.51 -7.30
C GLY B 303 3.54 -0.71 -8.01
N PRO B 304 3.95 -1.07 -9.41
CA PRO B 304 3.70 -2.16 -10.35
C PRO B 304 4.30 -3.46 -9.83
N ALA B 305 3.60 -4.56 -10.05
CA ALA B 305 4.03 -5.85 -9.54
C ALA B 305 5.40 -6.21 -10.08
N MET B 306 6.41 -6.22 -9.21
CA MET B 306 7.79 -6.45 -9.62
C MET B 306 8.45 -7.40 -8.64
N ALA B 307 9.32 -8.25 -9.14
CA ALA B 307 10.00 -9.21 -8.29
C ALA B 307 10.96 -8.51 -7.36
N SER B 308 10.94 -8.91 -6.09
CA SER B 308 11.71 -8.19 -5.07
C SER B 308 13.20 -8.29 -5.29
N HIS B 309 13.71 -9.48 -5.61
CA HIS B 309 15.18 -9.61 -5.75
C HIS B 309 15.58 -10.78 -6.67
N LYS B 310 16.77 -10.67 -7.27
CA LYS B 310 17.33 -11.71 -8.17
C LYS B 310 17.61 -12.97 -7.36
N GLU B 311 17.42 -14.15 -7.97
CA GLU B 311 17.63 -15.46 -7.31
C GLU B 311 18.95 -15.48 -6.54
N GLY B 312 18.86 -15.75 -5.22
CA GLY B 312 19.99 -15.86 -4.33
C GLY B 312 20.25 -14.64 -3.45
N GLU B 313 19.69 -13.49 -3.78
CA GLU B 313 19.84 -12.28 -2.98
C GLU B 313 18.60 -12.15 -2.11
N ASP B 314 18.54 -12.94 -1.05
CA ASP B 314 17.37 -12.93 -0.16
C ASP B 314 17.36 -11.69 0.72
N ARG B 315 18.52 -11.24 1.17
CA ARG B 315 18.58 -10.18 2.17
C ARG B 315 18.03 -8.87 1.64
N PHE B 316 18.11 -8.64 0.34
CA PHE B 316 17.71 -7.36 -0.23
C PHE B 316 16.19 -7.24 -0.28
N PHE B 317 15.73 -6.02 -0.48
CA PHE B 317 14.32 -5.76 -0.79
C PHE B 317 14.19 -4.32 -1.26
N PRO B 318 13.28 -4.03 -2.19
CA PRO B 318 13.15 -2.66 -2.68
C PRO B 318 12.68 -1.72 -1.58
N LEU B 319 13.08 -0.46 -1.71
CA LEU B 319 12.80 0.52 -0.66
C LEU B 319 11.31 0.67 -0.42
N SER B 320 10.55 0.82 -1.50
CA SER B 320 9.13 1.13 -1.40
C SER B 320 8.35 0.27 -2.37
N GLY B 321 8.62 -1.02 -2.37
CA GLY B 321 8.00 -1.88 -3.36
C GLY B 321 7.51 -3.19 -2.80
N SER B 322 7.20 -3.23 -1.52
CA SER B 322 6.71 -4.45 -0.90
C SER B 322 5.86 -4.10 0.31
N LEU B 323 4.75 -4.81 0.47
CA LEU B 323 3.93 -4.65 1.66
C LEU B 323 4.70 -5.14 2.87
N ILE B 324 4.69 -4.35 3.94
CA ILE B 324 5.49 -4.63 5.14
C ILE B 324 4.53 -4.58 6.33
N PHE B 325 3.95 -5.73 6.68
CA PHE B 325 2.98 -5.78 7.78
C PHE B 325 3.69 -5.83 9.12
N GLY B 326 3.07 -5.23 10.13
CA GLY B 326 3.66 -5.21 11.48
C GLY B 326 3.15 -6.38 12.30
N LYS B 327 4.05 -7.08 12.99
CA LYS B 327 3.65 -8.23 13.85
C LYS B 327 2.93 -7.71 15.09
N GLN B 328 2.05 -8.53 15.68
CA GLN B 328 1.25 -8.08 16.85
C GLN B 328 2.19 -7.62 17.98
N GLY B 329 1.84 -6.51 18.64
CA GLY B 329 2.65 -5.95 19.74
C GLY B 329 3.73 -4.99 19.27
N THR B 330 3.73 -4.64 17.99
CA THR B 330 4.76 -3.70 17.45
C THR B 330 4.34 -2.25 17.65
N GLY B 331 5.31 -1.33 17.78
CA GLY B 331 5.07 0.07 17.97
C GLY B 331 4.52 0.74 16.73
N ARG B 332 3.92 1.91 16.94
CA ARG B 332 3.33 2.63 15.81
C ARG B 332 4.40 3.16 14.87
N ASP B 333 5.50 3.68 15.40
CA ASP B 333 6.53 4.25 14.53
C ASP B 333 7.91 4.05 15.13
N ASN B 334 8.91 4.07 14.24
CA ASN B 334 10.31 3.87 14.59
C ASN B 334 10.51 2.55 15.34
N VAL B 335 10.07 1.47 14.71
CA VAL B 335 10.29 0.12 15.19
C VAL B 335 11.51 -0.44 14.48
N ASP B 336 12.18 -1.39 15.12
CA ASP B 336 13.36 -1.98 14.51
C ASP B 336 12.95 -2.95 13.41
N ALA B 337 13.95 -3.42 12.66
CA ALA B 337 13.68 -4.23 11.49
C ALA B 337 13.07 -5.58 11.86
N ASP B 338 13.39 -6.11 13.04
CA ASP B 338 12.93 -7.45 13.39
C ASP B 338 11.50 -7.49 13.87
N LYS B 339 10.91 -6.35 14.23
CA LYS B 339 9.54 -6.29 14.71
C LYS B 339 8.54 -6.04 13.60
N VAL B 340 8.98 -5.97 12.35
CA VAL B 340 8.10 -5.84 11.20
C VAL B 340 8.51 -6.88 10.17
N MET B 341 7.53 -7.59 9.62
CA MET B 341 7.78 -8.72 8.75
C MET B 341 7.51 -8.34 7.30
N ILE B 342 8.49 -8.58 6.44
CA ILE B 342 8.53 -8.04 5.09
C ILE B 342 8.11 -9.11 4.11
N THR B 343 7.25 -8.74 3.17
CA THR B 343 6.74 -9.68 2.17
C THR B 343 7.65 -9.65 0.96
N ASN B 344 8.48 -10.67 0.80
CA ASN B 344 9.35 -10.74 -0.37
C ASN B 344 8.60 -11.33 -1.54
N GLU B 345 8.96 -10.88 -2.74
CA GLU B 345 8.33 -11.34 -3.97
C GLU B 345 9.42 -11.92 -4.87
N GLU B 346 9.79 -13.16 -4.61
CA GLU B 346 10.66 -13.91 -5.50
C GLU B 346 9.85 -14.87 -6.34
N GLU B 347 8.54 -14.86 -6.17
CA GLU B 347 7.64 -15.85 -6.73
C GLU B 347 7.27 -15.56 -8.17
N ILE B 348 7.52 -14.34 -8.64
CA ILE B 348 7.22 -13.93 -10.00
C ILE B 348 8.47 -13.32 -10.63
N LYS B 349 9.64 -13.76 -10.20
CA LYS B 349 10.87 -13.35 -10.87
C LYS B 349 10.93 -13.90 -12.29
N THR B 350 10.10 -14.88 -12.62
CA THR B 350 10.10 -15.41 -13.97
C THR B 350 9.62 -14.37 -14.98
N THR B 351 8.39 -13.92 -14.85
CA THR B 351 7.76 -13.03 -15.81
C THR B 351 7.67 -11.58 -15.36
N ASN B 352 8.54 -11.14 -14.47
CA ASN B 352 8.61 -9.73 -14.12
C ASN B 352 10.06 -9.34 -13.89
N PRO B 353 10.46 -8.15 -14.32
CA PRO B 353 11.84 -7.73 -14.08
C PRO B 353 12.04 -7.45 -12.61
N VAL B 354 13.28 -7.62 -12.16
CA VAL B 354 13.59 -7.44 -10.75
C VAL B 354 13.37 -5.98 -10.37
N ALA B 355 12.79 -5.76 -9.19
CA ALA B 355 12.41 -4.41 -8.79
C ALA B 355 13.61 -3.50 -8.71
N THR B 356 14.74 -4.01 -8.24
CA THR B 356 15.92 -3.19 -8.05
C THR B 356 16.83 -3.16 -9.29
N GLU B 357 16.47 -3.85 -10.36
CA GLU B 357 17.27 -3.90 -11.57
C GLU B 357 16.63 -3.04 -12.68
N SER B 358 17.40 -2.83 -13.74
CA SER B 358 17.19 -1.71 -14.63
C SER B 358 16.68 -2.12 -16.00
N TYR B 359 15.97 -3.25 -16.07
CA TYR B 359 15.22 -3.67 -17.27
C TYR B 359 16.00 -3.43 -18.56
N GLY B 360 17.14 -4.09 -18.67
CA GLY B 360 17.84 -4.09 -19.95
C GLY B 360 18.43 -2.74 -20.31
N GLN B 361 18.71 -2.57 -21.60
CA GLN B 361 19.39 -1.37 -22.06
C GLN B 361 19.01 -1.13 -23.52
N VAL B 362 19.01 0.15 -23.92
CA VAL B 362 18.62 0.56 -25.25
C VAL B 362 19.73 1.41 -25.84
N ALA B 363 20.09 1.12 -27.09
CA ALA B 363 21.17 1.85 -27.74
C ALA B 363 20.76 3.30 -27.97
N THR B 364 21.72 4.22 -27.82
CA THR B 364 21.41 5.64 -27.86
C THR B 364 22.01 6.40 -29.03
N ASN B 365 22.93 5.81 -29.79
CA ASN B 365 23.46 6.47 -30.97
C ASN B 365 23.73 5.43 -32.05
N HIS B 366 24.19 5.90 -33.21
CA HIS B 366 24.40 5.07 -34.37
C HIS B 366 25.87 4.67 -34.46
N GLN B 367 26.12 3.38 -34.66
CA GLN B 367 27.50 2.90 -34.71
C GLN B 367 28.10 3.08 -36.09
N SER B 368 27.95 4.28 -36.64
CA SER B 368 28.52 4.60 -37.94
C SER B 368 29.98 4.96 -37.73
N ASP B 369 30.86 3.99 -37.96
CA ASP B 369 32.28 4.20 -37.71
C ASP B 369 32.84 5.32 -38.59
N GLY B 370 32.81 5.13 -39.91
CA GLY B 370 33.29 6.16 -40.80
C GLY B 370 32.18 6.83 -41.59
N THR B 371 31.89 8.09 -41.28
CA THR B 371 30.77 8.80 -41.88
C THR B 371 31.27 9.66 -43.04
N LEU B 372 30.34 10.00 -43.94
CA LEU B 372 30.63 10.78 -45.13
C LEU B 372 30.55 12.25 -44.78
N ALA B 373 31.69 12.93 -44.73
CA ALA B 373 31.88 14.37 -44.55
C ALA B 373 31.57 14.85 -43.13
N VAL B 374 31.06 13.99 -42.25
CA VAL B 374 30.87 14.35 -40.85
C VAL B 374 31.40 13.21 -40.00
N PRO B 375 32.72 13.07 -39.89
CA PRO B 375 33.31 11.89 -39.22
C PRO B 375 33.33 12.08 -37.71
N PHE B 376 32.82 11.07 -36.99
CA PHE B 376 32.82 11.08 -35.54
C PHE B 376 33.40 9.82 -34.91
N LYS B 377 33.41 8.70 -35.63
CA LYS B 377 33.92 7.43 -35.10
C LYS B 377 33.19 7.07 -33.80
N ALA B 378 31.87 7.22 -33.81
CA ALA B 378 31.07 7.02 -32.61
C ALA B 378 30.78 5.54 -32.43
N GLN B 379 31.24 4.98 -31.31
CA GLN B 379 30.95 3.58 -30.99
C GLN B 379 29.52 3.43 -30.49
N ALA B 380 28.99 2.23 -30.65
CA ALA B 380 27.62 1.96 -30.22
C ALA B 380 27.55 2.04 -28.71
N GLN B 381 26.97 3.13 -28.20
CA GLN B 381 26.80 3.31 -26.76
C GLN B 381 25.39 2.91 -26.36
N THR B 382 25.27 2.32 -25.18
CA THR B 382 23.99 1.83 -24.68
C THR B 382 23.64 2.55 -23.38
N GLY B 383 22.37 2.88 -23.23
CA GLY B 383 21.86 3.49 -22.02
C GLY B 383 20.82 2.59 -21.38
N TRP B 384 20.72 2.67 -20.07
CA TRP B 384 19.82 1.79 -19.32
C TRP B 384 18.40 2.33 -19.37
N VAL B 385 17.45 1.44 -19.09
CA VAL B 385 16.04 1.83 -19.04
C VAL B 385 15.55 1.69 -17.61
N GLN B 386 15.61 2.77 -16.84
CA GLN B 386 15.19 2.70 -15.45
C GLN B 386 13.70 2.45 -15.32
N ASN B 387 12.89 3.08 -16.18
CA ASN B 387 11.45 2.88 -16.16
C ASN B 387 10.98 2.59 -17.57
N GLN B 388 10.20 1.52 -17.72
CA GLN B 388 9.73 1.10 -19.08
C GLN B 388 8.21 0.93 -19.09
N GLY B 389 7.57 1.60 -20.06
CA GLY B 389 6.10 1.52 -20.25
C GLY B 389 5.70 0.24 -20.95
N ILE B 390 4.42 -0.11 -20.91
CA ILE B 390 3.90 -1.36 -21.55
C ILE B 390 4.00 -1.27 -23.09
N LEU B 391 4.73 -2.21 -23.70
CA LEU B 391 4.85 -2.37 -25.14
C LEU B 391 3.92 -3.47 -25.62
N PRO B 392 3.84 -3.83 -27.02
CA PRO B 392 3.06 -5.01 -27.98
C PRO B 392 3.57 -6.41 -27.55
N GLY B 393 2.69 -7.24 -26.96
CA GLY B 393 3.05 -8.62 -26.57
C GLY B 393 3.75 -8.79 -25.23
N MET B 394 3.79 -7.77 -24.37
CA MET B 394 4.48 -7.88 -23.06
C MET B 394 3.59 -8.56 -22.01
N VAL B 395 4.09 -9.61 -21.33
CA VAL B 395 3.34 -10.31 -20.31
C VAL B 395 3.96 -10.05 -18.94
N TRP B 396 3.12 -10.12 -17.92
CA TRP B 396 3.54 -9.87 -16.55
C TRP B 396 2.53 -10.54 -15.62
N GLN B 397 2.86 -10.55 -14.33
CA GLN B 397 2.01 -11.16 -13.32
C GLN B 397 1.72 -10.17 -12.22
N ASP B 398 0.46 -10.06 -11.83
CA ASP B 398 0.06 -9.08 -10.84
C ASP B 398 0.55 -9.50 -9.46
N ARG B 399 0.46 -8.58 -8.51
CA ARG B 399 1.02 -8.81 -7.19
C ARG B 399 0.23 -9.86 -6.43
N ASP B 400 0.90 -10.48 -5.47
CA ASP B 400 0.30 -11.51 -4.64
C ASP B 400 -0.57 -10.90 -3.55
N VAL B 401 -1.52 -11.69 -3.07
CA VAL B 401 -2.35 -11.32 -1.92
C VAL B 401 -1.96 -12.20 -0.75
N TYR B 402 -1.74 -11.58 0.40
CA TYR B 402 -1.33 -12.32 1.58
C TYR B 402 -2.51 -12.47 2.52
N LEU B 403 -2.38 -13.42 3.45
CA LEU B 403 -3.43 -13.59 4.45
C LEU B 403 -3.75 -12.28 5.13
N GLN B 404 -2.74 -11.49 5.47
CA GLN B 404 -2.96 -10.17 6.03
C GLN B 404 -2.95 -9.10 4.95
N GLY B 405 -3.72 -9.32 3.88
CA GLY B 405 -3.67 -8.43 2.74
C GLY B 405 -5.05 -8.09 2.22
N PRO B 406 -5.17 -6.98 1.52
CA PRO B 406 -6.48 -6.52 1.09
C PRO B 406 -7.13 -7.44 0.06
N ILE B 407 -8.45 -7.35 -0.03
CA ILE B 407 -9.22 -8.16 -0.97
C ILE B 407 -9.58 -7.32 -2.19
N TRP B 408 -10.33 -6.25 -1.99
CA TRP B 408 -10.84 -5.46 -3.08
C TRP B 408 -10.40 -4.01 -2.92
N ALA B 409 -10.70 -3.22 -3.95
CA ALA B 409 -10.43 -1.79 -3.93
C ALA B 409 -11.18 -1.19 -5.10
N LYS B 410 -11.96 -0.16 -4.84
CA LYS B 410 -12.76 0.45 -5.89
C LYS B 410 -11.85 1.00 -6.98
N ILE B 411 -12.18 0.70 -8.22
CA ILE B 411 -11.49 1.30 -9.36
C ILE B 411 -11.96 2.73 -9.48
N PRO B 412 -11.08 3.72 -9.42
CA PRO B 412 -11.55 5.11 -9.43
C PRO B 412 -12.37 5.37 -10.67
N HIS B 413 -13.48 6.10 -10.49
CA HIS B 413 -14.36 6.36 -11.61
C HIS B 413 -13.72 7.36 -12.56
N THR B 414 -12.87 6.88 -13.45
CA THR B 414 -12.15 7.73 -14.38
C THR B 414 -12.46 7.31 -15.81
N ASP B 415 -12.15 8.20 -16.75
CA ASP B 415 -12.49 7.96 -18.15
C ASP B 415 -11.68 6.84 -18.76
N GLY B 416 -10.62 6.38 -18.09
CA GLY B 416 -9.85 5.28 -18.61
C GLY B 416 -8.84 4.81 -17.60
N ASN B 417 -8.43 3.55 -17.72
CA ASN B 417 -7.40 2.98 -16.87
C ASN B 417 -6.87 1.74 -17.57
N PHE B 418 -5.74 1.24 -17.08
CA PHE B 418 -5.14 0.04 -17.64
C PHE B 418 -4.94 -1.00 -16.56
N HIS B 419 -5.47 -2.20 -16.80
CA HIS B 419 -5.33 -3.36 -15.93
C HIS B 419 -5.57 -2.96 -14.48
N PRO B 420 -6.80 -2.65 -14.12
CA PRO B 420 -7.07 -2.18 -12.76
C PRO B 420 -6.94 -3.29 -11.74
N SER B 421 -5.72 -3.67 -11.42
CA SER B 421 -5.49 -4.59 -10.30
C SER B 421 -4.79 -3.80 -9.21
N PRO B 422 -5.47 -3.51 -8.10
CA PRO B 422 -4.87 -2.65 -7.07
C PRO B 422 -3.47 -3.08 -6.70
N LEU B 423 -2.54 -2.13 -6.73
CA LEU B 423 -1.13 -2.48 -6.64
C LEU B 423 -0.78 -3.16 -5.33
N MET B 424 -1.56 -2.93 -4.28
CA MET B 424 -1.31 -3.66 -3.03
C MET B 424 -1.74 -5.11 -3.14
N GLY B 425 -2.40 -5.49 -4.23
CA GLY B 425 -2.84 -6.85 -4.38
C GLY B 425 -4.32 -6.95 -4.17
N GLY B 426 -4.95 -7.95 -4.78
CA GLY B 426 -6.36 -8.17 -4.62
C GLY B 426 -7.08 -8.11 -5.95
N PHE B 427 -8.34 -7.71 -5.87
CA PHE B 427 -9.21 -7.66 -7.04
C PHE B 427 -9.63 -6.23 -7.30
N GLY B 428 -9.64 -5.84 -8.57
CA GLY B 428 -10.10 -4.53 -8.97
C GLY B 428 -11.52 -4.61 -9.46
N MET B 429 -12.41 -3.92 -8.75
CA MET B 429 -13.83 -3.98 -9.06
C MET B 429 -14.36 -2.57 -9.30
N LYS B 430 -15.13 -2.40 -10.37
CA LYS B 430 -15.77 -1.11 -10.61
C LYS B 430 -16.86 -0.85 -9.59
N HIS B 431 -17.46 -1.90 -9.04
CA HIS B 431 -18.52 -1.81 -8.04
C HIS B 431 -18.20 -2.72 -6.87
N PRO B 432 -17.30 -2.32 -5.98
CA PRO B 432 -16.91 -3.17 -4.86
C PRO B 432 -18.06 -3.28 -3.87
N PRO B 433 -17.95 -4.15 -2.87
CA PRO B 433 -18.97 -4.22 -1.83
C PRO B 433 -19.06 -2.89 -1.09
N PRO B 434 -20.26 -2.43 -0.79
CA PRO B 434 -20.43 -1.06 -0.31
C PRO B 434 -19.94 -0.93 1.12
N GLN B 435 -19.75 0.31 1.53
CA GLN B 435 -19.49 0.59 2.94
C GLN B 435 -20.77 0.39 3.74
N ILE B 436 -20.60 0.11 5.02
CA ILE B 436 -21.72 -0.06 5.94
C ILE B 436 -21.48 0.87 7.11
N LEU B 437 -21.98 2.09 7.01
CA LEU B 437 -21.71 3.11 8.02
C LEU B 437 -22.75 3.03 9.11
N ILE B 438 -22.29 2.92 10.36
CA ILE B 438 -23.17 2.74 11.51
C ILE B 438 -22.93 3.85 12.52
N LYS B 439 -24.02 4.44 12.98
CA LYS B 439 -24.01 5.56 13.92
C LYS B 439 -25.13 5.37 14.91
N ASN B 440 -24.86 5.59 16.19
CA ASN B 440 -25.89 5.51 17.20
C ASN B 440 -26.47 6.90 17.47
N THR B 441 -27.79 7.01 17.36
CA THR B 441 -28.43 8.30 17.24
C THR B 441 -28.19 9.15 18.48
N PRO B 442 -28.06 10.46 18.34
CA PRO B 442 -27.97 11.32 19.52
C PRO B 442 -29.29 11.30 20.27
N VAL B 443 -29.21 11.38 21.59
CA VAL B 443 -30.39 11.55 22.42
C VAL B 443 -30.13 12.67 23.42
N PRO B 444 -30.65 13.88 23.18
CA PRO B 444 -30.28 15.03 24.01
C PRO B 444 -30.65 14.81 25.46
N ALA B 445 -29.78 15.28 26.36
CA ALA B 445 -29.93 14.98 27.77
C ALA B 445 -31.19 15.59 28.37
N ASP B 446 -31.21 16.91 28.47
CA ASP B 446 -32.32 17.59 29.13
C ASP B 446 -32.37 19.05 28.67
N PRO B 447 -33.11 19.33 27.61
CA PRO B 447 -33.13 20.68 27.07
C PRO B 447 -33.80 21.62 28.05
N PRO B 448 -33.54 22.92 27.95
CA PRO B 448 -34.05 23.85 28.96
C PRO B 448 -35.57 23.95 28.92
N THR B 449 -36.13 24.47 30.02
CA THR B 449 -37.56 24.77 30.02
C THR B 449 -37.88 25.91 29.07
N ALA B 450 -37.01 26.90 28.97
CA ALA B 450 -37.18 28.00 28.03
C ALA B 450 -36.62 27.61 26.67
N PHE B 451 -37.23 28.12 25.61
CA PHE B 451 -36.79 27.80 24.26
C PHE B 451 -35.39 28.32 24.02
N ASN B 452 -34.64 27.62 23.15
CA ASN B 452 -33.31 28.04 22.73
C ASN B 452 -33.00 27.39 21.40
N LYS B 453 -32.55 28.19 20.44
CA LYS B 453 -32.51 27.77 19.04
C LYS B 453 -31.21 27.08 18.64
N ASP B 454 -30.29 26.85 19.58
CA ASP B 454 -28.98 26.34 19.23
C ASP B 454 -29.06 24.86 18.85
N LYS B 455 -27.91 24.24 18.65
CA LYS B 455 -27.85 22.86 18.17
C LYS B 455 -28.00 21.83 19.28
N LEU B 456 -28.23 22.27 20.52
CA LEU B 456 -28.44 21.35 21.63
C LEU B 456 -27.24 20.43 21.81
N ASN B 457 -26.11 21.03 22.21
CA ASN B 457 -24.84 20.32 22.20
C ASN B 457 -24.69 19.33 23.35
N SER B 458 -25.63 19.26 24.28
CA SER B 458 -25.49 18.38 25.43
C SER B 458 -26.21 17.06 25.18
N PHE B 459 -25.44 16.04 24.78
CA PHE B 459 -25.96 14.70 24.61
C PHE B 459 -25.44 13.78 25.70
N ILE B 460 -26.15 12.68 25.95
CA ILE B 460 -25.72 11.73 26.98
C ILE B 460 -24.82 10.69 26.33
N THR B 461 -23.69 10.42 26.97
CA THR B 461 -22.70 9.51 26.41
C THR B 461 -23.26 8.11 26.35
N GLN B 462 -23.01 7.42 25.24
CA GLN B 462 -23.47 6.04 25.08
C GLN B 462 -22.68 5.40 23.96
N TYR B 463 -22.81 4.08 23.85
CA TYR B 463 -22.15 3.33 22.80
C TYR B 463 -23.05 2.16 22.42
N SER B 464 -22.51 1.20 21.68
CA SER B 464 -23.31 0.09 21.17
C SER B 464 -22.52 -1.19 21.28
N THR B 465 -23.19 -2.30 20.96
CA THR B 465 -22.54 -3.60 20.87
C THR B 465 -23.44 -4.52 20.08
N GLY B 466 -22.87 -5.60 19.57
CA GLY B 466 -23.66 -6.58 18.83
C GLY B 466 -22.82 -7.69 18.26
N GLN B 467 -23.16 -8.14 17.06
CA GLN B 467 -22.28 -8.96 16.25
C GLN B 467 -22.45 -8.57 14.79
N VAL B 468 -21.43 -8.89 14.00
CA VAL B 468 -21.42 -8.64 12.57
C VAL B 468 -20.97 -9.90 11.87
N SER B 469 -21.68 -10.31 10.82
CA SER B 469 -21.40 -11.58 10.16
C SER B 469 -21.28 -11.37 8.66
N VAL B 470 -20.17 -11.81 8.09
CA VAL B 470 -19.86 -11.58 6.68
C VAL B 470 -19.64 -12.91 6.01
N GLU B 471 -20.63 -13.42 5.31
CA GLU B 471 -20.52 -14.66 4.55
C GLU B 471 -20.22 -14.29 3.10
N ILE B 472 -19.06 -14.72 2.60
CA ILE B 472 -18.59 -14.29 1.30
C ILE B 472 -18.09 -15.51 0.53
N GLU B 473 -18.95 -16.02 -0.36
CA GLU B 473 -18.70 -17.28 -1.05
C GLU B 473 -17.68 -17.05 -2.16
N TRP B 474 -16.57 -17.80 -2.10
CA TRP B 474 -15.55 -17.73 -3.12
C TRP B 474 -15.78 -18.81 -4.16
N GLU B 475 -15.15 -18.66 -5.32
CA GLU B 475 -15.14 -19.68 -6.34
C GLU B 475 -13.71 -20.10 -6.63
N LEU B 476 -13.47 -21.40 -6.66
CA LEU B 476 -12.13 -21.93 -6.84
C LEU B 476 -11.93 -22.41 -8.27
N GLN B 477 -10.67 -22.57 -8.65
CA GLN B 477 -10.28 -23.16 -9.93
C GLN B 477 -9.31 -24.28 -9.62
N LYS B 478 -9.82 -25.50 -9.48
CA LYS B 478 -8.97 -26.61 -9.05
C LYS B 478 -7.83 -26.83 -10.04
N GLU B 479 -6.78 -27.47 -9.56
CA GLU B 479 -5.57 -27.67 -10.34
C GLU B 479 -5.49 -29.09 -10.87
N ASN B 480 -5.03 -29.22 -12.12
CA ASN B 480 -4.93 -30.51 -12.77
C ASN B 480 -3.62 -30.63 -13.53
N SER B 481 -2.53 -30.23 -12.90
CA SER B 481 -1.22 -30.29 -13.54
C SER B 481 -0.71 -31.73 -13.54
N LYS B 482 -0.10 -32.13 -14.64
CA LYS B 482 0.49 -33.45 -14.79
C LYS B 482 1.94 -33.48 -14.36
N ARG B 483 2.32 -32.61 -13.43
CA ARG B 483 3.66 -32.59 -12.90
C ARG B 483 3.95 -33.86 -12.11
N TRP B 484 5.18 -34.35 -12.23
CA TRP B 484 5.61 -35.58 -11.55
C TRP B 484 6.47 -35.33 -10.33
N ASN B 485 7.32 -34.32 -10.38
CA ASN B 485 8.04 -33.87 -9.20
C ASN B 485 7.04 -33.36 -8.18
N PRO B 486 7.12 -33.76 -6.91
CA PRO B 486 6.13 -33.33 -5.92
C PRO B 486 6.02 -31.81 -5.84
N GLU B 487 4.79 -31.33 -5.76
CA GLU B 487 4.54 -29.90 -5.71
C GLU B 487 5.18 -29.33 -4.46
N ILE B 488 5.35 -28.01 -4.44
CA ILE B 488 5.81 -27.32 -3.24
C ILE B 488 4.60 -26.76 -2.51
N GLN B 489 4.52 -26.99 -1.21
CA GLN B 489 3.34 -26.69 -0.43
C GLN B 489 3.71 -25.83 0.77
N TYR B 490 2.70 -25.34 1.47
CA TYR B 490 2.89 -24.53 2.65
C TYR B 490 2.61 -25.38 3.88
N THR B 491 3.57 -25.45 4.80
CA THR B 491 3.47 -26.27 5.98
C THR B 491 3.93 -25.50 7.19
N SER B 492 3.57 -25.99 8.36
CA SER B 492 4.05 -25.43 9.61
C SER B 492 5.12 -26.36 10.18
N ASN B 493 6.29 -25.81 10.47
CA ASN B 493 7.45 -26.62 10.81
C ASN B 493 7.18 -27.47 12.03
N TYR B 494 7.53 -28.75 11.93
CA TYR B 494 7.46 -29.66 13.07
C TYR B 494 8.73 -29.49 13.88
N TYR B 495 8.67 -28.65 14.90
CA TYR B 495 9.78 -28.52 15.83
C TYR B 495 9.26 -27.89 17.11
N LYS B 496 9.73 -28.40 18.24
CA LYS B 496 9.23 -27.91 19.51
C LYS B 496 9.52 -26.42 19.65
N SER B 497 8.49 -25.67 20.06
CA SER B 497 8.62 -24.24 20.24
C SER B 497 7.64 -23.80 21.32
N ASN B 498 7.92 -22.65 21.92
CA ASN B 498 7.16 -22.23 23.09
C ASN B 498 5.68 -22.07 22.77
N ASN B 499 5.36 -21.61 21.57
CA ASN B 499 3.98 -21.36 21.18
C ASN B 499 3.72 -22.01 19.82
N VAL B 500 2.49 -22.46 19.63
CA VAL B 500 2.07 -22.93 18.32
C VAL B 500 1.89 -21.74 17.41
N GLU B 501 2.33 -21.86 16.16
CA GLU B 501 2.14 -20.77 15.21
C GLU B 501 0.65 -20.53 14.99
N PHE B 502 0.29 -19.26 14.88
CA PHE B 502 -1.10 -18.85 14.67
C PHE B 502 -1.99 -19.28 15.84
N ALA B 503 -1.41 -19.31 17.04
CA ALA B 503 -2.17 -19.68 18.22
C ALA B 503 -1.84 -18.71 19.34
N VAL B 504 -2.76 -18.63 20.30
CA VAL B 504 -2.70 -17.58 21.31
C VAL B 504 -1.50 -17.80 22.22
N ASN B 505 -0.98 -16.68 22.74
CA ASN B 505 0.18 -16.69 23.66
C ASN B 505 -0.30 -17.00 25.08
N THR B 506 0.60 -17.04 26.07
CA THR B 506 0.16 -17.34 27.47
C THR B 506 -0.82 -16.26 27.94
N GLU B 507 -0.59 -15.00 27.58
CA GLU B 507 -1.49 -13.88 27.92
C GLU B 507 -2.76 -13.88 27.07
N GLY B 508 -2.85 -14.60 25.94
CA GLY B 508 -4.15 -14.49 25.25
C GLY B 508 -4.09 -13.64 23.98
N VAL B 509 -2.92 -13.10 23.63
CA VAL B 509 -2.76 -12.28 22.43
C VAL B 509 -2.50 -13.20 21.24
N TYR B 510 -3.31 -13.05 20.21
CA TYR B 510 -3.20 -13.90 19.03
C TYR B 510 -2.09 -13.38 18.13
N SER B 511 -1.09 -14.22 17.88
CA SER B 511 0.11 -13.80 17.19
C SER B 511 0.22 -14.52 15.85
N GLU B 512 0.32 -13.74 14.77
CA GLU B 512 0.59 -14.31 13.46
C GLU B 512 2.06 -14.12 13.14
N PRO B 513 2.85 -15.19 13.02
CA PRO B 513 4.30 -15.00 12.89
C PRO B 513 4.74 -14.52 11.54
N ARG B 514 4.18 -15.05 10.46
CA ARG B 514 4.70 -14.71 9.14
C ARG B 514 3.57 -14.43 8.17
N PRO B 515 3.81 -13.60 7.15
CA PRO B 515 2.79 -13.42 6.11
C PRO B 515 2.75 -14.65 5.22
N ILE B 516 1.55 -15.02 4.80
CA ILE B 516 1.36 -16.21 3.96
C ILE B 516 0.96 -15.75 2.57
N GLY B 517 1.79 -16.08 1.59
CA GLY B 517 1.46 -15.78 0.21
C GLY B 517 0.39 -16.72 -0.30
N THR B 518 0.03 -16.54 -1.56
CA THR B 518 -0.91 -17.46 -2.18
C THR B 518 -0.36 -18.11 -3.43
N ARG B 519 0.94 -17.98 -3.70
CA ARG B 519 1.56 -18.58 -4.88
C ARG B 519 2.48 -19.70 -4.40
N TYR B 520 1.93 -20.90 -4.26
CA TYR B 520 2.75 -22.05 -3.91
C TYR B 520 2.75 -23.11 -4.99
N LEU B 521 1.59 -23.48 -5.53
CA LEU B 521 1.56 -24.42 -6.63
C LEU B 521 2.32 -23.87 -7.84
N THR B 522 2.63 -24.75 -8.77
CA THR B 522 3.40 -24.40 -9.96
C THR B 522 2.62 -24.74 -11.22
N ARG B 523 2.55 -23.78 -12.14
CA ARG B 523 1.89 -23.95 -13.42
C ARG B 523 2.80 -23.42 -14.52
N ASN B 524 3.10 -24.25 -15.50
CA ASN B 524 4.02 -23.88 -16.56
C ASN B 524 3.44 -22.73 -17.37
N LEU B 525 4.34 -21.93 -17.94
CA LEU B 525 3.91 -20.78 -18.73
C LEU B 525 3.07 -21.24 -19.91
#